data_2F12
#
_entry.id   2F12
#
_cell.length_a   87.590
_cell.length_b   87.970
_cell.length_c   92.330
_cell.angle_alpha   90.00
_cell.angle_beta   90.00
_cell.angle_gamma   90.00
#
_symmetry.space_group_name_H-M   'C 2 2 21'
#
loop_
_entity.id
_entity.type
_entity.pdbx_description
1 polymer 'Sialidase 2'
2 non-polymer 'PHOSPHATE ION'
3 non-polymer '3-hydroxypropyl 2-acetamido-2,4-dideoxy-alpha-L-threo-hex-4-enopyranosiduronic acid'
4 water water
#
_entity_poly.entity_id   1
_entity_poly.type   'polypeptide(L)'
_entity_poly.pdbx_seq_one_letter_code
;GSMASLPVLQKESVFQSGAHAYRIPALLYLPGQQSLLAFAEQRASKKDEHAELIVLRRGDYDAPTHQVQWQAQEVVAQAR
LDGHRSMNPCPLYDAQTGTLFLFFIAIPGQVTEQQQLQTRANVTRLCQVTSTDHGRTWSSPRDLTDAAIGPAYREWSTFA
VGPGHCLQLNDRARSLVVPAYAYRKLHPIQRPIPSAFCFLSHDHGRTWARGHFVAQDTLECQVAEVETGEQRVVTLNARS
HLRARVQAQSTNDGLDFQESQLVKKLVEPPPQGCQGSVISFPSPRSGPGSPAQWLLYTHPTHSWQRADLGAYLNPRPPAP
EAWSEPVLLAKGSCAYSDLQSMGTGPDGSPLFGCLYEANDYEEIVFLMFTLKQAFPAEYLPQ
;
_entity_poly.pdbx_strand_id   A
#
# COMPACT_ATOMS: atom_id res chain seq x y z
N SER A 5 -13.06 19.38 8.61
CA SER A 5 -12.09 18.26 8.73
C SER A 5 -10.82 18.68 9.46
N LEU A 6 -10.03 17.68 9.84
CA LEU A 6 -8.78 17.85 10.57
C LEU A 6 -7.83 18.89 9.96
N PRO A 7 -7.19 19.72 10.83
CA PRO A 7 -6.25 20.75 10.39
C PRO A 7 -4.95 20.11 9.93
N VAL A 8 -4.53 20.37 8.70
CA VAL A 8 -3.31 19.77 8.18
C VAL A 8 -2.25 20.78 7.77
N LEU A 9 -1.00 20.31 7.68
CA LEU A 9 0.11 21.16 7.29
C LEU A 9 0.10 21.42 5.79
N GLN A 10 -0.49 20.50 5.04
CA GLN A 10 -0.51 20.66 3.59
C GLN A 10 -1.58 19.81 2.92
N LYS A 11 -2.17 20.35 1.86
CA LYS A 11 -3.17 19.64 1.08
C LYS A 11 -3.01 20.11 -0.35
N GLU A 12 -2.37 19.28 -1.16
CA GLU A 12 -2.09 19.61 -2.55
C GLU A 12 -2.37 18.48 -3.53
N SER A 13 -3.02 18.81 -4.63
CA SER A 13 -3.33 17.84 -5.67
C SER A 13 -1.99 17.55 -6.37
N VAL A 14 -1.60 16.27 -6.44
CA VAL A 14 -0.33 15.93 -7.08
C VAL A 14 -0.47 15.19 -8.40
N PHE A 15 -1.68 14.72 -8.70
CA PHE A 15 -1.98 14.03 -9.95
C PHE A 15 -3.42 14.42 -10.31
N GLN A 16 -3.65 14.78 -11.58
CA GLN A 16 -4.98 15.17 -12.03
C GLN A 16 -5.33 14.61 -13.39
N SER A 17 -6.62 14.35 -13.59
CA SER A 17 -7.10 13.85 -14.88
C SER A 17 -6.87 14.96 -15.89
N GLY A 18 -6.20 14.62 -16.98
CA GLY A 18 -5.94 15.58 -18.04
C GLY A 18 -5.96 14.76 -19.31
N ALA A 19 -4.80 14.59 -19.92
CA ALA A 19 -4.69 13.78 -21.13
C ALA A 19 -4.90 12.34 -20.68
N HIS A 20 -4.56 12.07 -19.42
CA HIS A 20 -4.70 10.74 -18.85
C HIS A 20 -5.46 10.80 -17.54
N ALA A 21 -5.72 9.62 -16.98
CA ALA A 21 -6.40 9.50 -15.71
C ALA A 21 -5.40 8.86 -14.75
N TYR A 22 -5.50 9.20 -13.47
CA TYR A 22 -4.58 8.64 -12.49
C TYR A 22 -5.32 8.01 -11.32
N ARG A 23 -4.82 6.85 -10.90
CA ARG A 23 -5.39 6.11 -9.79
C ARG A 23 -4.31 5.22 -9.16
N ILE A 24 -4.68 4.56 -8.07
CA ILE A 24 -3.79 3.62 -7.39
C ILE A 24 -2.47 4.25 -6.92
N PRO A 25 -2.56 5.11 -5.90
CA PRO A 25 -1.39 5.79 -5.34
C PRO A 25 -0.50 4.91 -4.45
N ALA A 26 0.76 5.28 -4.37
CA ALA A 26 1.73 4.60 -3.53
C ALA A 26 2.65 5.72 -3.07
N LEU A 27 2.99 5.72 -1.79
CA LEU A 27 3.85 6.78 -1.27
C LEU A 27 5.03 6.16 -0.54
N LEU A 28 6.21 6.75 -0.74
CA LEU A 28 7.42 6.25 -0.10
C LEU A 28 8.28 7.41 0.40
N TYR A 29 8.67 7.34 1.66
CA TYR A 29 9.51 8.38 2.27
C TYR A 29 10.97 7.93 2.37
N LEU A 30 11.88 8.81 1.95
CA LEU A 30 13.33 8.52 2.01
C LEU A 30 13.89 9.38 3.14
N PRO A 31 13.93 8.81 4.36
CA PRO A 31 14.44 9.52 5.55
C PRO A 31 15.67 10.41 5.36
N GLY A 32 16.80 9.81 4.99
CA GLY A 32 18.01 10.60 4.82
C GLY A 32 17.96 11.66 3.74
N GLN A 33 16.88 11.66 2.95
CA GLN A 33 16.75 12.63 1.86
C GLN A 33 15.69 13.70 2.13
N GLN A 34 14.97 13.59 3.24
CA GLN A 34 13.92 14.55 3.56
C GLN A 34 12.99 14.67 2.34
N SER A 35 12.84 13.58 1.60
CA SER A 35 11.99 13.65 0.41
C SER A 35 11.07 12.44 0.23
N LEU A 36 10.01 12.66 -0.54
CA LEU A 36 9.00 11.63 -0.82
C LEU A 36 8.92 11.30 -2.31
N LEU A 37 8.55 10.07 -2.60
CA LEU A 37 8.35 9.62 -3.98
C LEU A 37 6.88 9.21 -4.04
N ALA A 38 6.12 9.87 -4.92
CA ALA A 38 4.70 9.58 -5.07
C ALA A 38 4.48 8.87 -6.40
N PHE A 39 3.94 7.66 -6.34
CA PHE A 39 3.69 6.86 -7.53
C PHE A 39 2.19 6.73 -7.80
N ALA A 40 1.86 6.45 -9.05
CA ALA A 40 0.47 6.27 -9.45
C ALA A 40 0.42 5.61 -10.83
N GLU A 41 -0.74 5.05 -11.16
CA GLU A 41 -0.91 4.44 -12.48
C GLU A 41 -1.37 5.53 -13.43
N GLN A 42 -0.77 5.58 -14.62
CA GLN A 42 -1.19 6.54 -15.62
C GLN A 42 -2.05 5.72 -16.58
N ARG A 43 -3.36 5.93 -16.52
CA ARG A 43 -4.29 5.21 -17.35
C ARG A 43 -4.78 6.01 -18.55
N ALA A 44 -5.06 5.31 -19.65
CA ALA A 44 -5.54 5.94 -20.88
C ALA A 44 -6.88 6.62 -20.66
N ALA A 51 -4.88 0.75 -16.99
CA ALA A 51 -3.59 1.15 -16.43
C ALA A 51 -2.45 0.73 -17.34
N GLU A 52 -1.90 1.69 -18.07
CA GLU A 52 -0.79 1.41 -18.99
C GLU A 52 0.58 1.55 -18.34
N LEU A 53 0.86 2.72 -17.79
CA LEU A 53 2.16 2.95 -17.18
C LEU A 53 2.12 3.49 -15.75
N ILE A 54 3.29 3.50 -15.11
CA ILE A 54 3.41 4.00 -13.76
C ILE A 54 4.22 5.30 -13.81
N VAL A 55 3.71 6.33 -13.15
CA VAL A 55 4.40 7.61 -13.11
C VAL A 55 4.88 7.90 -11.70
N LEU A 56 5.81 8.84 -11.59
CA LEU A 56 6.38 9.20 -10.31
C LEU A 56 6.68 10.68 -10.20
N ARG A 57 6.51 11.21 -8.98
CA ARG A 57 6.82 12.61 -8.68
C ARG A 57 7.63 12.64 -7.40
N ARG A 58 8.75 13.35 -7.43
CA ARG A 58 9.63 13.46 -6.25
C ARG A 58 9.31 14.77 -5.53
N GLY A 59 9.28 14.71 -4.20
CA GLY A 59 9.00 15.90 -3.42
C GLY A 59 10.01 16.10 -2.28
N ASP A 60 10.48 17.33 -2.12
CA ASP A 60 11.44 17.64 -1.05
C ASP A 60 10.70 18.33 0.08
N TYR A 61 10.80 17.77 1.28
CA TYR A 61 10.12 18.32 2.45
C TYR A 61 10.96 19.35 3.23
N ASP A 62 10.41 20.54 3.37
CA ASP A 62 11.09 21.60 4.10
C ASP A 62 10.29 21.93 5.36
N ALA A 63 10.78 21.46 6.50
CA ALA A 63 10.11 21.65 7.77
C ALA A 63 9.83 23.10 8.15
N PRO A 64 10.82 23.99 7.97
CA PRO A 64 10.60 25.40 8.31
C PRO A 64 9.36 26.01 7.66
N THR A 65 9.08 25.61 6.42
CA THR A 65 7.92 26.14 5.71
C THR A 65 6.73 25.18 5.77
N HIS A 66 6.89 24.10 6.53
CA HIS A 66 5.82 23.12 6.68
C HIS A 66 5.30 22.70 5.30
N GLN A 67 6.20 22.54 4.35
CA GLN A 67 5.76 22.18 3.01
C GLN A 67 6.69 21.27 2.20
N VAL A 68 6.08 20.48 1.33
CA VAL A 68 6.80 19.60 0.43
C VAL A 68 6.72 20.22 -0.96
N GLN A 69 7.86 20.37 -1.62
CA GLN A 69 7.91 20.94 -2.96
C GLN A 69 7.92 19.78 -3.95
N TRP A 70 6.91 19.71 -4.82
CA TRP A 70 6.85 18.61 -5.77
C TRP A 70 7.40 18.92 -7.15
N GLN A 71 8.34 18.10 -7.58
CA GLN A 71 8.96 18.25 -8.88
C GLN A 71 8.06 17.70 -9.99
N ALA A 72 8.47 17.91 -11.24
CA ALA A 72 7.68 17.48 -12.39
C ALA A 72 7.47 15.97 -12.47
N GLN A 73 6.27 15.59 -12.91
CA GLN A 73 5.87 14.20 -13.07
C GLN A 73 6.71 13.51 -14.14
N GLU A 74 7.12 12.27 -13.87
CA GLU A 74 7.92 11.51 -14.82
C GLU A 74 7.52 10.03 -14.88
N VAL A 75 7.54 9.48 -16.08
CA VAL A 75 7.18 8.09 -16.30
C VAL A 75 8.31 7.14 -15.89
N VAL A 76 7.99 6.07 -15.19
CA VAL A 76 9.01 5.10 -14.82
C VAL A 76 9.06 4.17 -16.03
N ALA A 77 9.84 4.58 -17.02
CA ALA A 77 9.98 3.88 -18.29
C ALA A 77 10.27 2.38 -18.22
N GLN A 78 11.18 1.99 -17.35
CA GLN A 78 11.57 0.59 -17.19
C GLN A 78 10.52 -0.28 -16.49
N ALA A 79 9.60 0.35 -15.78
CA ALA A 79 8.59 -0.40 -15.05
C ALA A 79 7.48 -0.91 -15.97
N ARG A 80 7.85 -1.81 -16.89
CA ARG A 80 6.87 -2.36 -17.81
C ARG A 80 7.44 -3.52 -18.61
N LEU A 81 6.56 -4.39 -19.09
CA LEU A 81 6.97 -5.52 -19.92
C LEU A 81 6.38 -5.24 -21.28
N ASP A 82 7.12 -5.60 -22.32
CA ASP A 82 6.65 -5.36 -23.68
C ASP A 82 5.27 -5.99 -23.92
N GLY A 83 4.35 -5.20 -24.46
CA GLY A 83 3.01 -5.70 -24.73
C GLY A 83 2.14 -5.92 -23.50
N HIS A 84 2.53 -5.35 -22.36
CA HIS A 84 1.77 -5.49 -21.13
C HIS A 84 1.45 -4.14 -20.50
N ARG A 85 0.41 -4.11 -19.68
CA ARG A 85 0.02 -2.91 -18.96
C ARG A 85 0.61 -3.10 -17.56
N SER A 86 1.15 -2.03 -16.98
CA SER A 86 1.75 -2.09 -15.65
C SER A 86 0.77 -1.52 -14.63
N MET A 87 0.65 -2.19 -13.48
CA MET A 87 -0.25 -1.71 -12.44
C MET A 87 0.18 -2.08 -11.03
N ASN A 88 -0.47 -1.44 -10.04
CA ASN A 88 -0.18 -1.68 -8.63
C ASN A 88 1.25 -1.37 -8.19
N PRO A 89 1.65 -0.10 -8.27
CA PRO A 89 3.01 0.26 -7.85
C PRO A 89 3.14 0.01 -6.34
N CYS A 90 4.18 -0.72 -5.95
CA CYS A 90 4.42 -1.04 -4.53
C CYS A 90 5.89 -0.77 -4.25
N PRO A 91 6.21 0.43 -3.75
CA PRO A 91 7.59 0.82 -3.46
C PRO A 91 8.10 0.34 -2.11
N LEU A 92 9.42 0.24 -2.01
CA LEU A 92 10.09 -0.18 -0.79
C LEU A 92 11.53 0.30 -0.80
N TYR A 93 12.00 0.78 0.35
CA TYR A 93 13.36 1.24 0.47
C TYR A 93 14.14 0.33 1.40
N ASP A 94 15.17 -0.34 0.87
CA ASP A 94 16.00 -1.22 1.69
C ASP A 94 17.02 -0.37 2.39
N ALA A 95 16.83 -0.17 3.69
CA ALA A 95 17.72 0.67 4.50
C ALA A 95 19.12 0.12 4.69
N GLN A 96 19.33 -1.16 4.37
CA GLN A 96 20.65 -1.75 4.54
C GLN A 96 21.50 -1.72 3.26
N THR A 97 20.88 -1.94 2.12
CA THR A 97 21.60 -1.93 0.85
C THR A 97 21.49 -0.57 0.16
N GLY A 98 20.57 0.27 0.62
CA GLY A 98 20.39 1.57 0.02
C GLY A 98 19.70 1.49 -1.33
N THR A 99 19.10 0.34 -1.59
CA THR A 99 18.40 0.12 -2.86
C THR A 99 16.91 0.43 -2.76
N LEU A 100 16.37 1.04 -3.81
CA LEU A 100 14.95 1.37 -3.87
C LEU A 100 14.29 0.31 -4.77
N PHE A 101 13.21 -0.29 -4.28
CA PHE A 101 12.48 -1.31 -5.06
C PHE A 101 11.11 -0.80 -5.48
N LEU A 102 10.68 -1.17 -6.68
CA LEU A 102 9.35 -0.82 -7.16
C LEU A 102 8.74 -2.09 -7.75
N PHE A 103 7.91 -2.76 -6.95
CA PHE A 103 7.25 -3.98 -7.40
C PHE A 103 5.99 -3.55 -8.15
N PHE A 104 5.55 -4.37 -9.09
CA PHE A 104 4.34 -4.03 -9.84
C PHE A 104 3.84 -5.23 -10.62
N ILE A 105 2.61 -5.14 -11.11
CA ILE A 105 2.00 -6.23 -11.87
C ILE A 105 1.88 -5.86 -13.35
N ALA A 106 2.22 -6.82 -14.21
CA ALA A 106 2.12 -6.61 -15.66
C ALA A 106 1.09 -7.57 -16.24
N ILE A 107 0.21 -7.05 -17.09
CA ILE A 107 -0.84 -7.87 -17.70
C ILE A 107 -0.94 -7.63 -19.21
N PRO A 108 -1.14 -8.70 -20.00
CA PRO A 108 -1.26 -8.57 -21.45
C PRO A 108 -2.26 -7.50 -21.87
N GLY A 109 -1.92 -6.74 -22.91
CA GLY A 109 -2.79 -5.69 -23.39
C GLY A 109 -4.18 -6.16 -23.79
N GLN A 110 -4.25 -7.26 -24.52
CA GLN A 110 -5.52 -7.84 -24.98
C GLN A 110 -6.34 -8.37 -23.81
N VAL A 111 -6.11 -7.83 -22.62
CA VAL A 111 -6.83 -8.30 -21.44
C VAL A 111 -7.40 -7.15 -20.61
N THR A 112 -8.48 -7.44 -19.89
CA THR A 112 -9.14 -6.47 -19.02
C THR A 112 -9.01 -6.90 -17.57
N GLU A 113 -9.89 -6.40 -16.71
CA GLU A 113 -9.86 -6.74 -15.29
C GLU A 113 -10.84 -7.86 -15.00
N GLN A 114 -12.11 -7.65 -15.35
CA GLN A 114 -13.16 -8.63 -15.13
C GLN A 114 -12.74 -9.95 -15.78
N GLN A 115 -12.00 -9.85 -16.88
CA GLN A 115 -11.53 -11.02 -17.61
C GLN A 115 -10.48 -11.75 -16.76
N GLN A 116 -9.75 -10.99 -15.96
CA GLN A 116 -8.73 -11.54 -15.09
C GLN A 116 -9.33 -12.33 -13.94
N LEU A 117 -10.22 -11.67 -13.19
CA LEU A 117 -10.89 -12.31 -12.05
C LEU A 117 -11.38 -13.72 -12.34
N GLN A 118 -12.09 -13.91 -13.45
CA GLN A 118 -12.58 -15.24 -13.80
C GLN A 118 -12.49 -15.58 -15.29
N THR A 119 -11.58 -16.48 -15.60
CA THR A 119 -11.36 -16.95 -16.96
C THR A 119 -10.54 -18.24 -16.78
N ARG A 120 -10.09 -18.43 -15.56
CA ARG A 120 -9.30 -19.60 -15.17
C ARG A 120 -7.94 -19.67 -15.83
N ALA A 121 -7.58 -18.61 -16.57
CA ALA A 121 -6.30 -18.55 -17.26
C ALA A 121 -5.47 -17.40 -16.69
N ASN A 122 -4.50 -17.73 -15.85
CA ASN A 122 -3.62 -16.75 -15.23
C ASN A 122 -2.53 -16.30 -16.20
N VAL A 123 -2.51 -15.00 -16.49
CA VAL A 123 -1.51 -14.43 -17.39
C VAL A 123 -0.85 -13.21 -16.75
N THR A 124 -1.00 -13.09 -15.43
CA THR A 124 -0.44 -11.95 -14.70
C THR A 124 1.02 -12.20 -14.29
N ARG A 125 1.86 -11.17 -14.42
CA ARG A 125 3.27 -11.30 -14.09
C ARG A 125 3.65 -10.42 -12.90
N LEU A 126 4.59 -10.91 -12.08
CA LEU A 126 5.08 -10.15 -10.93
C LEU A 126 6.43 -9.58 -11.36
N CYS A 127 6.59 -8.26 -11.25
CA CYS A 127 7.83 -7.62 -11.67
C CYS A 127 8.41 -6.68 -10.64
N GLN A 128 9.67 -6.33 -10.84
CA GLN A 128 10.34 -5.40 -9.96
C GLN A 128 11.48 -4.70 -10.68
N VAL A 129 11.66 -3.42 -10.38
CA VAL A 129 12.78 -2.66 -10.94
C VAL A 129 13.41 -2.02 -9.72
N THR A 130 14.71 -1.78 -9.80
CA THR A 130 15.45 -1.19 -8.68
C THR A 130 16.18 0.09 -9.10
N SER A 131 16.41 0.95 -8.13
CA SER A 131 17.11 2.20 -8.37
C SER A 131 18.09 2.42 -7.23
N THR A 132 19.30 2.84 -7.57
CA THR A 132 20.32 3.12 -6.56
C THR A 132 20.61 4.61 -6.49
N ASP A 133 19.79 5.42 -7.15
CA ASP A 133 19.99 6.86 -7.13
C ASP A 133 18.72 7.60 -6.72
N HIS A 134 18.03 7.03 -5.73
CA HIS A 134 16.80 7.59 -5.18
C HIS A 134 15.64 7.76 -6.16
N GLY A 135 15.54 6.84 -7.12
CA GLY A 135 14.44 6.91 -8.07
C GLY A 135 14.66 7.73 -9.33
N ARG A 136 15.85 8.30 -9.50
CA ARG A 136 16.15 9.10 -10.69
C ARG A 136 16.13 8.17 -11.90
N THR A 137 16.91 7.10 -11.82
CA THR A 137 16.98 6.12 -12.90
C THR A 137 16.67 4.75 -12.34
N TRP A 138 16.16 3.87 -13.20
CA TRP A 138 15.81 2.51 -12.78
C TRP A 138 16.49 1.45 -13.63
N SER A 139 16.59 0.24 -13.08
CA SER A 139 17.18 -0.88 -13.79
C SER A 139 16.13 -1.51 -14.67
N SER A 140 16.54 -2.51 -15.45
CA SER A 140 15.61 -3.24 -16.32
C SER A 140 14.72 -4.07 -15.40
N PRO A 141 13.48 -4.33 -15.81
CA PRO A 141 12.58 -5.12 -14.95
C PRO A 141 13.00 -6.58 -14.80
N ARG A 142 12.67 -7.16 -13.66
CA ARG A 142 12.96 -8.55 -13.40
C ARG A 142 11.60 -9.24 -13.23
N ASP A 143 11.33 -10.26 -14.04
CA ASP A 143 10.07 -11.00 -13.96
C ASP A 143 10.25 -12.10 -12.92
N LEU A 144 9.70 -11.86 -11.73
CA LEU A 144 9.81 -12.78 -10.59
C LEU A 144 8.73 -13.85 -10.54
N THR A 145 7.78 -13.76 -11.46
CA THR A 145 6.66 -14.69 -11.50
C THR A 145 6.92 -16.17 -11.16
N ASP A 146 7.64 -16.87 -12.03
CA ASP A 146 7.89 -18.29 -11.79
C ASP A 146 8.65 -18.66 -10.53
N ALA A 147 9.71 -17.93 -10.22
CA ALA A 147 10.52 -18.22 -9.03
C ALA A 147 9.83 -17.87 -7.71
N ALA A 148 9.04 -16.80 -7.70
CA ALA A 148 8.37 -16.37 -6.48
C ALA A 148 7.04 -17.06 -6.19
N ILE A 149 6.38 -17.56 -7.23
CA ILE A 149 5.07 -18.19 -7.07
C ILE A 149 5.08 -19.71 -7.20
N GLY A 150 5.75 -20.23 -8.21
CA GLY A 150 5.80 -21.67 -8.39
C GLY A 150 4.51 -22.27 -8.95
N PRO A 151 4.30 -23.59 -8.78
CA PRO A 151 3.13 -24.32 -9.26
C PRO A 151 1.79 -23.68 -8.91
N ALA A 152 1.70 -23.10 -7.73
CA ALA A 152 0.46 -22.46 -7.29
C ALA A 152 -0.09 -21.55 -8.39
N TYR A 153 0.81 -20.98 -9.18
CA TYR A 153 0.42 -20.07 -10.25
C TYR A 153 -0.78 -20.55 -11.07
N ARG A 154 -0.81 -21.83 -11.41
CA ARG A 154 -1.90 -22.39 -12.20
C ARG A 154 -3.21 -22.56 -11.44
N GLU A 155 -3.16 -22.43 -10.11
CA GLU A 155 -4.36 -22.57 -9.29
C GLU A 155 -5.05 -21.22 -9.10
N TRP A 156 -4.48 -20.17 -9.70
CA TRP A 156 -5.04 -18.84 -9.57
C TRP A 156 -5.53 -18.29 -10.90
N SER A 157 -6.56 -17.45 -10.85
CA SER A 157 -7.07 -16.83 -12.05
C SER A 157 -6.19 -15.60 -12.29
N THR A 158 -5.74 -14.99 -11.20
CA THR A 158 -4.88 -13.81 -11.23
C THR A 158 -4.43 -13.45 -9.80
N PHE A 159 -3.69 -12.35 -9.67
CA PHE A 159 -3.19 -11.92 -8.37
C PHE A 159 -2.62 -10.52 -8.51
N ALA A 160 -2.16 -9.96 -7.39
CA ALA A 160 -1.58 -8.62 -7.42
C ALA A 160 -0.81 -8.32 -6.15
N VAL A 161 -0.05 -7.23 -6.16
CA VAL A 161 0.70 -6.83 -4.97
C VAL A 161 0.20 -5.46 -4.55
N GLY A 162 0.18 -5.25 -3.24
CA GLY A 162 -0.28 -3.98 -2.71
C GLY A 162 -1.71 -3.70 -3.09
N PRO A 163 -2.00 -2.51 -3.67
CA PRO A 163 -1.03 -1.45 -3.98
C PRO A 163 -0.54 -0.71 -2.75
N GLY A 164 0.52 0.06 -2.90
CA GLY A 164 1.04 0.82 -1.78
C GLY A 164 2.40 0.38 -1.27
N HIS A 165 2.96 1.16 -0.35
CA HIS A 165 4.28 0.89 0.22
C HIS A 165 4.39 -0.53 0.81
N CYS A 166 5.60 -1.08 0.74
CA CYS A 166 5.87 -2.41 1.28
C CYS A 166 6.51 -2.31 2.66
N LEU A 167 7.11 -3.40 3.12
CA LEU A 167 7.71 -3.42 4.45
C LEU A 167 9.06 -4.13 4.55
N GLN A 168 9.96 -3.59 5.36
CA GLN A 168 11.25 -4.21 5.60
C GLN A 168 11.30 -4.45 7.10
N LEU A 169 11.55 -5.70 7.50
CA LEU A 169 11.58 -6.06 8.91
C LEU A 169 12.93 -5.77 9.57
N ASN A 170 12.91 -5.69 10.90
CA ASN A 170 14.12 -5.44 11.67
C ASN A 170 14.70 -6.75 12.18
N ASP A 171 14.40 -7.83 11.47
CA ASP A 171 14.91 -9.15 11.83
C ASP A 171 16.38 -9.19 11.45
N ARG A 172 17.03 -10.32 11.71
CA ARG A 172 18.45 -10.47 11.41
C ARG A 172 18.75 -10.16 9.94
N ALA A 173 17.95 -10.72 9.04
CA ALA A 173 18.15 -10.54 7.62
C ALA A 173 17.57 -9.24 7.01
N ARG A 174 16.87 -8.44 7.81
CA ARG A 174 16.29 -7.20 7.29
C ARG A 174 15.43 -7.61 6.09
N SER A 175 14.62 -8.64 6.33
CA SER A 175 13.74 -9.22 5.30
C SER A 175 12.80 -8.23 4.62
N LEU A 176 12.52 -8.50 3.35
CA LEU A 176 11.61 -7.69 2.55
C LEU A 176 10.25 -8.37 2.54
N VAL A 177 9.19 -7.62 2.84
CA VAL A 177 7.84 -8.19 2.85
C VAL A 177 6.94 -7.40 1.89
N VAL A 178 6.41 -8.10 0.90
CA VAL A 178 5.53 -7.48 -0.09
C VAL A 178 4.10 -8.01 0.10
N PRO A 179 3.18 -7.14 0.56
CA PRO A 179 1.79 -7.54 0.76
C PRO A 179 1.16 -7.86 -0.59
N ALA A 180 0.23 -8.81 -0.62
CA ALA A 180 -0.39 -9.22 -1.87
C ALA A 180 -1.64 -10.07 -1.68
N TYR A 181 -2.24 -10.49 -2.79
CA TYR A 181 -3.42 -11.35 -2.71
C TYR A 181 -3.62 -12.10 -4.03
N ALA A 182 -4.22 -13.28 -3.95
CA ALA A 182 -4.46 -14.07 -5.14
C ALA A 182 -5.90 -14.56 -5.25
N TYR A 183 -6.41 -14.60 -6.47
CA TYR A 183 -7.75 -15.11 -6.71
C TYR A 183 -7.55 -16.59 -6.97
N ARG A 184 -8.04 -17.43 -6.08
CA ARG A 184 -7.86 -18.86 -6.26
C ARG A 184 -9.11 -19.61 -6.68
N LYS A 185 -8.93 -20.50 -7.65
CA LYS A 185 -10.00 -21.33 -8.16
C LYS A 185 -10.14 -22.51 -7.21
N LEU A 186 -10.92 -22.32 -6.16
CA LEU A 186 -11.13 -23.34 -5.14
C LEU A 186 -12.25 -24.32 -5.43
N HIS A 187 -13.34 -23.86 -6.07
CA HIS A 187 -14.45 -24.75 -6.36
C HIS A 187 -15.14 -24.49 -7.71
N ILE A 189 -17.73 -24.61 -8.62
CA ILE A 189 -18.61 -24.05 -9.64
C ILE A 189 -18.82 -22.58 -9.34
N GLN A 190 -17.88 -22.00 -8.60
CA GLN A 190 -17.93 -20.61 -8.21
C GLN A 190 -16.69 -19.88 -8.73
N ARG A 191 -16.90 -18.97 -8.53
CA ARG A 191 -15.96 -17.94 -8.94
C ARG A 191 -14.70 -17.98 -8.07
N PRO A 192 -13.57 -17.52 -8.62
CA PRO A 192 -12.32 -17.52 -7.84
C PRO A 192 -12.49 -16.72 -6.55
N ILE A 193 -11.90 -17.22 -5.46
CA ILE A 193 -11.99 -16.57 -4.16
C ILE A 193 -10.64 -15.96 -3.77
N PRO A 194 -10.64 -14.66 -3.41
CA PRO A 194 -9.40 -13.98 -3.02
C PRO A 194 -8.91 -14.19 -1.59
N SER A 195 -7.61 -14.40 -1.44
CA SER A 195 -6.97 -14.57 -0.13
C SER A 195 -5.66 -13.77 -0.12
N ALA A 196 -5.47 -12.97 0.91
CA ALA A 196 -4.26 -12.16 1.05
C ALA A 196 -3.07 -13.01 1.47
N PHE A 197 -1.86 -12.51 1.21
CA PHE A 197 -0.63 -13.20 1.58
C PHE A 197 0.53 -12.23 1.35
N CYS A 198 1.74 -12.64 1.72
CA CYS A 198 2.93 -11.80 1.54
C CYS A 198 4.06 -12.55 0.82
N PHE A 199 4.75 -11.85 -0.07
CA PHE A 199 5.91 -12.43 -0.74
C PHE A 199 7.04 -12.07 0.21
N LEU A 200 7.95 -13.02 0.45
CA LEU A 200 9.05 -12.80 1.38
C LEU A 200 10.43 -13.00 0.77
N SER A 201 11.37 -12.15 1.18
CA SER A 201 12.75 -12.24 0.72
C SER A 201 13.65 -11.99 1.92
N HIS A 202 14.61 -12.89 2.15
CA HIS A 202 15.53 -12.75 3.28
C HIS A 202 16.91 -12.34 2.79
N ASP A 203 17.07 -12.23 1.48
CA ASP A 203 18.36 -11.86 0.89
C ASP A 203 18.29 -10.57 0.06
N HIS A 204 17.58 -9.58 0.59
CA HIS A 204 17.47 -8.28 -0.05
C HIS A 204 16.94 -8.29 -1.48
N GLY A 205 15.87 -9.05 -1.73
CA GLY A 205 15.29 -9.08 -3.06
C GLY A 205 15.97 -10.00 -4.04
N ARG A 206 16.94 -10.79 -3.58
CA ARG A 206 17.65 -11.71 -4.46
C ARG A 206 16.70 -12.84 -4.87
N THR A 207 16.14 -13.53 -3.88
CA THR A 207 15.21 -14.60 -4.13
C THR A 207 13.92 -14.33 -3.35
N TRP A 208 12.83 -14.91 -3.81
CA TRP A 208 11.55 -14.70 -3.16
C TRP A 208 10.81 -15.99 -2.82
N ALA A 209 9.99 -15.91 -1.78
CA ALA A 209 9.20 -17.04 -1.33
C ALA A 209 7.77 -16.53 -1.14
N ARG A 210 6.80 -17.41 -1.37
CA ARG A 210 5.39 -17.08 -1.23
C ARG A 210 4.89 -17.48 0.15
N GLY A 211 4.36 -16.51 0.90
CA GLY A 211 3.85 -16.81 2.22
C GLY A 211 2.50 -17.51 2.18
N HIS A 212 2.03 -18.01 3.31
CA HIS A 212 0.75 -18.70 3.37
C HIS A 212 -0.41 -17.72 3.38
N PHE A 213 -1.53 -18.13 2.80
CA PHE A 213 -2.73 -17.31 2.70
C PHE A 213 -3.41 -17.04 4.05
N VAL A 214 -4.13 -15.92 4.12
CA VAL A 214 -4.88 -15.57 5.32
C VAL A 214 -6.28 -16.12 5.02
N ALA A 215 -7.25 -15.87 5.89
CA ALA A 215 -8.61 -16.34 5.67
C ALA A 215 -9.10 -15.97 4.26
N GLN A 216 -10.07 -16.74 3.75
CA GLN A 216 -10.63 -16.48 2.43
C GLN A 216 -11.35 -15.14 2.41
N ASP A 217 -11.61 -14.63 1.21
CA ASP A 217 -12.30 -13.36 1.03
C ASP A 217 -11.55 -12.14 1.57
N THR A 218 -10.28 -12.05 1.24
CA THR A 218 -9.46 -10.91 1.64
C THR A 218 -8.68 -10.52 0.38
N LEU A 219 -8.67 -9.23 0.07
CA LEU A 219 -7.98 -8.72 -1.11
C LEU A 219 -6.79 -7.84 -0.74
N GLU A 220 -6.66 -6.74 -1.48
CA GLU A 220 -5.59 -5.78 -1.30
C GLU A 220 -5.33 -5.54 0.17
N CYS A 221 -4.06 -5.63 0.55
CA CYS A 221 -3.70 -5.43 1.94
C CYS A 221 -2.37 -4.73 2.06
N GLN A 222 -2.00 -4.38 3.28
CA GLN A 222 -0.74 -3.75 3.58
C GLN A 222 -0.32 -4.30 4.93
N VAL A 223 0.98 -4.30 5.18
CA VAL A 223 1.52 -4.82 6.43
C VAL A 223 2.42 -3.81 7.12
N ALA A 224 2.53 -3.96 8.44
CA ALA A 224 3.35 -3.08 9.26
C ALA A 224 3.99 -3.94 10.34
N GLU A 225 5.10 -3.49 10.90
CA GLU A 225 5.76 -4.25 11.96
C GLU A 225 5.57 -3.56 13.29
N VAL A 226 5.23 -4.33 14.31
CA VAL A 226 5.01 -3.82 15.65
C VAL A 226 5.96 -4.44 16.66
N GLU A 227 6.62 -3.60 17.44
CA GLU A 227 7.58 -4.00 18.48
C GLU A 227 8.34 -5.25 18.10
N GLN A 231 7.44 -10.89 20.56
CA GLN A 231 8.04 -9.56 20.51
C GLN A 231 7.81 -8.90 19.15
N ARG A 232 8.22 -9.60 18.09
CA ARG A 232 8.07 -9.08 16.74
C ARG A 232 6.81 -9.61 16.07
N VAL A 233 5.90 -8.72 15.69
CA VAL A 233 4.67 -9.14 15.03
C VAL A 233 4.37 -8.31 13.79
N VAL A 234 3.96 -8.98 12.73
CA VAL A 234 3.61 -8.30 11.50
C VAL A 234 2.08 -8.25 11.43
N THR A 235 1.52 -7.05 11.38
CA THR A 235 0.08 -6.92 11.29
C THR A 235 -0.31 -6.72 9.83
N LEU A 236 -1.37 -7.39 9.42
CA LEU A 236 -1.86 -7.31 8.04
C LEU A 236 -3.28 -6.77 8.11
N ASN A 237 -3.57 -5.73 7.33
CA ASN A 237 -4.90 -5.14 7.29
C ASN A 237 -5.40 -5.33 5.86
N ALA A 238 -6.47 -6.09 5.70
CA ALA A 238 -6.98 -6.38 4.37
C ALA A 238 -8.41 -5.99 4.04
N ARG A 239 -8.60 -5.65 2.77
CA ARG A 239 -9.90 -5.30 2.23
C ARG A 239 -10.68 -6.61 2.13
N SER A 240 -11.95 -6.58 2.50
CA SER A 240 -12.77 -7.79 2.42
C SER A 240 -14.07 -7.47 1.69
N HIS A 241 -14.89 -8.51 1.49
CA HIS A 241 -16.16 -8.34 0.81
C HIS A 241 -17.29 -8.17 1.83
N LEU A 242 -16.92 -8.15 3.10
CA LEU A 242 -17.89 -7.97 4.18
C LEU A 242 -17.99 -6.51 4.59
N ARG A 243 -18.74 -6.24 5.66
CA ARG A 243 -18.94 -4.89 6.14
C ARG A 243 -17.78 -4.32 6.97
N ALA A 244 -16.80 -5.16 7.29
CA ALA A 244 -15.66 -4.72 8.09
C ALA A 244 -14.34 -5.22 7.53
N ARG A 245 -13.24 -4.60 7.97
CA ARG A 245 -11.92 -4.99 7.52
C ARG A 245 -11.52 -6.31 8.18
N VAL A 246 -10.58 -7.00 7.55
CA VAL A 246 -10.06 -8.25 8.09
C VAL A 246 -8.63 -7.92 8.52
N GLN A 247 -8.26 -8.35 9.71
CA GLN A 247 -6.92 -8.11 10.23
C GLN A 247 -6.30 -9.43 10.68
N ALA A 248 -5.02 -9.61 10.34
CA ALA A 248 -4.31 -10.83 10.69
C ALA A 248 -2.94 -10.49 11.26
N GLN A 249 -2.42 -11.40 12.09
CA GLN A 249 -1.12 -11.20 12.71
C GLN A 249 -0.19 -12.37 12.43
N SER A 250 1.10 -12.07 12.28
CA SER A 250 2.10 -13.08 12.05
C SER A 250 3.24 -12.90 13.06
N THR A 251 3.68 -14.00 13.66
CA THR A 251 4.77 -13.97 14.63
C THR A 251 6.03 -14.59 14.03
N ASN A 252 5.96 -14.98 12.76
CA ASN A 252 7.12 -15.55 12.11
C ASN A 252 7.44 -14.81 10.82
N ASP A 253 7.47 -13.49 10.92
CA ASP A 253 7.81 -12.61 9.81
C ASP A 253 6.99 -12.69 8.53
N GLY A 254 5.71 -13.03 8.65
CA GLY A 254 4.88 -13.07 7.45
C GLY A 254 4.67 -14.40 6.77
N LEU A 255 5.40 -15.43 7.19
CA LEU A 255 5.24 -16.74 6.58
C LEU A 255 3.81 -17.24 6.85
N ASP A 256 3.39 -17.16 8.11
CA ASP A 256 2.05 -17.59 8.48
C ASP A 256 1.31 -16.48 9.23
N PHE A 257 0.04 -16.32 8.87
CA PHE A 257 -0.83 -15.35 9.51
C PHE A 257 -1.92 -16.16 10.21
N GLN A 258 -1.54 -16.73 11.34
CA GLN A 258 -2.39 -17.57 12.17
C GLN A 258 -3.73 -16.95 12.55
N GLU A 259 -3.70 -16.03 13.51
CA GLU A 259 -4.91 -15.37 13.97
C GLU A 259 -5.44 -14.42 12.92
N SER A 260 -6.76 -14.40 12.74
CA SER A 260 -7.40 -13.53 11.75
C SER A 260 -8.85 -13.27 12.15
N GLN A 261 -9.29 -12.02 12.06
CA GLN A 261 -10.66 -11.68 12.41
C GLN A 261 -11.16 -10.38 11.80
N LEU A 262 -12.48 -10.25 11.77
CA LEU A 262 -13.11 -9.05 11.26
C LEU A 262 -12.98 -7.98 12.34
N VAL A 263 -12.71 -6.75 11.94
CA VAL A 263 -12.59 -5.64 12.87
C VAL A 263 -13.78 -4.74 12.57
N LYS A 264 -14.88 -4.98 13.27
CA LYS A 264 -16.12 -4.23 13.07
C LYS A 264 -15.93 -2.73 13.11
N LYS A 265 -14.99 -2.28 13.93
CA LYS A 265 -14.68 -0.86 14.10
C LYS A 265 -14.20 -0.20 12.79
N LEU A 266 -13.66 -1.00 11.88
CA LEU A 266 -13.15 -0.50 10.60
C LEU A 266 -14.09 -0.90 9.47
N VAL A 267 -15.02 -0.03 9.14
CA VAL A 267 -16.03 -0.28 8.11
C VAL A 267 -15.50 -0.43 6.68
N GLU A 268 -16.22 -1.21 5.89
CA GLU A 268 -15.90 -1.45 4.48
C GLU A 268 -17.13 -1.02 3.68
N PRO A 269 -16.98 -0.08 2.74
CA PRO A 269 -18.11 0.40 1.92
C PRO A 269 -18.83 -0.75 1.22
N PRO A 270 -20.17 -0.72 1.22
CA PRO A 270 -21.11 -1.68 0.64
C PRO A 270 -20.65 -2.54 -0.55
N PRO A 271 -20.37 -1.92 -1.70
CA PRO A 271 -19.93 -2.64 -2.90
C PRO A 271 -18.99 -3.82 -2.66
N GLN A 272 -17.74 -3.66 -3.06
CA GLN A 272 -16.73 -4.71 -2.90
C GLN A 272 -15.69 -4.22 -1.89
N GLY A 273 -16.04 -3.18 -1.15
CA GLY A 273 -15.12 -2.63 -0.17
C GLY A 273 -14.18 -1.67 -0.86
N CYS A 274 -13.18 -1.18 -0.13
CA CYS A 274 -12.20 -0.25 -0.69
C CYS A 274 -10.83 -0.52 -0.06
N GLN A 275 -9.79 -0.20 -0.81
CA GLN A 275 -8.43 -0.40 -0.32
C GLN A 275 -8.13 0.60 0.79
N GLY A 276 -7.28 0.19 1.73
CA GLY A 276 -6.92 1.07 2.83
C GLY A 276 -5.43 0.97 3.08
N SER A 277 -4.90 1.86 3.90
CA SER A 277 -3.48 1.86 4.21
C SER A 277 -3.20 1.77 5.71
N VAL A 278 -2.07 1.19 6.07
CA VAL A 278 -1.68 1.08 7.47
C VAL A 278 -0.16 1.16 7.60
N ILE A 279 0.29 1.83 8.66
CA ILE A 279 1.71 1.98 8.95
C ILE A 279 1.90 1.95 10.46
N SER A 280 3.15 1.78 10.89
CA SER A 280 3.46 1.80 12.31
C SER A 280 4.36 3.00 12.45
N PHE A 281 4.43 3.57 13.64
CA PHE A 281 5.29 4.71 13.88
C PHE A 281 5.63 4.74 15.36
N PRO A 282 6.76 5.39 15.72
CA PRO A 282 7.21 5.50 17.11
C PRO A 282 6.12 6.02 18.03
N SER A 283 5.81 5.29 19.09
CA SER A 283 4.78 5.74 20.03
C SER A 283 5.36 6.93 20.81
N PRO A 284 4.53 7.95 21.08
CA PRO A 284 4.98 9.13 21.82
C PRO A 284 5.50 8.76 23.21
N ARG A 285 4.88 7.74 23.80
CA ARG A 285 5.25 7.28 25.13
C ARG A 285 6.74 6.93 25.17
N ALA A 292 6.25 0.21 21.87
CA ALA A 292 7.29 0.92 21.13
C ALA A 292 6.71 1.60 19.90
N GLN A 293 5.68 0.98 19.31
CA GLN A 293 5.04 1.56 18.13
C GLN A 293 3.52 1.55 18.22
N TRP A 294 2.92 2.49 17.49
CA TRP A 294 1.48 2.62 17.39
C TRP A 294 1.18 2.49 15.91
N LEU A 295 -0.08 2.21 15.56
CA LEU A 295 -0.46 2.10 14.15
C LEU A 295 -1.36 3.24 13.73
N LEU A 296 -1.31 3.56 12.44
CA LEU A 296 -2.15 4.59 11.86
C LEU A 296 -2.71 3.93 10.61
N TYR A 297 -3.99 4.16 10.34
CA TYR A 297 -4.66 3.56 9.20
C TYR A 297 -5.62 4.58 8.56
N THR A 298 -5.68 4.60 7.23
CA THR A 298 -6.58 5.52 6.53
C THR A 298 -7.48 4.72 5.59
N HIS A 299 -8.74 5.14 5.49
CA HIS A 299 -9.72 4.47 4.65
C HIS A 299 -11.02 5.28 4.66
N PRO A 300 -11.84 5.16 3.60
CA PRO A 300 -13.11 5.91 3.56
C PRO A 300 -13.94 5.50 4.78
N THR A 301 -14.65 6.45 5.39
CA THR A 301 -15.44 6.13 6.57
C THR A 301 -16.95 6.13 6.33
N HIS A 302 -17.38 6.53 5.15
CA HIS A 302 -18.81 6.54 4.83
C HIS A 302 -19.25 5.08 4.74
N SER A 303 -20.30 4.73 5.47
CA SER A 303 -20.79 3.36 5.50
C SER A 303 -21.49 2.89 4.22
N TRP A 304 -21.93 3.83 3.38
CA TRP A 304 -22.63 3.46 2.17
C TRP A 304 -21.91 3.75 0.86
N GLN A 305 -20.74 4.37 0.94
CA GLN A 305 -19.97 4.70 -0.26
C GLN A 305 -18.52 5.07 0.05
N ARG A 306 -17.73 5.27 -1.01
CA ARG A 306 -16.33 5.64 -0.83
C ARG A 306 -16.21 7.14 -0.62
N ALA A 307 -16.42 7.58 0.61
CA ALA A 307 -16.35 8.99 0.91
C ALA A 307 -15.81 9.26 2.31
N ASP A 308 -15.42 10.51 2.54
CA ASP A 308 -14.89 10.94 3.84
C ASP A 308 -13.73 10.11 4.37
N LEU A 309 -12.53 10.41 3.88
CA LEU A 309 -11.33 9.71 4.32
C LEU A 309 -11.10 9.92 5.82
N GLY A 310 -10.88 8.83 6.54
CA GLY A 310 -10.64 8.93 7.97
C GLY A 310 -9.30 8.36 8.40
N ALA A 311 -8.81 8.84 9.52
CA ALA A 311 -7.55 8.37 10.09
C ALA A 311 -7.92 7.65 11.37
N TYR A 312 -7.39 6.46 11.57
CA TYR A 312 -7.66 5.70 12.78
C TYR A 312 -6.35 5.45 13.49
N LEU A 313 -6.38 5.44 14.81
CA LEU A 313 -5.20 5.23 15.62
C LEU A 313 -5.35 3.97 16.47
N ASN A 314 -4.28 3.21 16.59
CA ASN A 314 -4.29 2.03 17.44
C ASN A 314 -3.07 2.15 18.34
N PRO A 315 -3.26 2.64 19.57
CA PRO A 315 -2.17 2.82 20.55
C PRO A 315 -1.82 1.57 21.37
N ARG A 316 -2.49 0.46 21.09
CA ARG A 316 -2.21 -0.80 21.78
C ARG A 316 -2.22 -1.91 20.74
N PRO A 317 -1.44 -1.75 19.66
CA PRO A 317 -1.36 -2.72 18.57
C PRO A 317 -0.79 -4.08 18.97
N PRO A 318 -1.28 -5.15 18.32
CA PRO A 318 -2.29 -5.12 17.26
C PRO A 318 -3.74 -5.31 17.72
N ALA A 319 -3.99 -5.27 19.03
CA ALA A 319 -5.33 -5.46 19.56
C ALA A 319 -6.42 -4.83 18.69
N PRO A 320 -7.29 -5.66 18.08
CA PRO A 320 -8.37 -5.21 17.21
C PRO A 320 -9.33 -4.24 17.88
N GLU A 321 -9.65 -4.47 19.14
CA GLU A 321 -10.58 -3.60 19.86
C GLU A 321 -9.96 -2.27 20.26
N ALA A 322 -8.65 -2.12 20.08
CA ALA A 322 -7.99 -0.88 20.45
C ALA A 322 -8.08 0.16 19.34
N TRP A 323 -8.57 -0.25 18.18
CA TRP A 323 -8.72 0.71 17.09
C TRP A 323 -9.65 1.81 17.55
N SER A 324 -9.28 3.05 17.28
CA SER A 324 -10.07 4.20 17.70
C SER A 324 -11.14 4.57 16.70
N GLU A 325 -11.94 5.55 17.08
CA GLU A 325 -12.97 6.09 16.21
C GLU A 325 -12.19 6.84 15.14
N PRO A 326 -12.72 6.94 13.92
CA PRO A 326 -11.96 7.66 12.91
C PRO A 326 -12.04 9.18 13.05
N VAL A 327 -10.99 9.88 12.63
CA VAL A 327 -10.97 11.33 12.64
C VAL A 327 -11.05 11.71 11.17
N LEU A 328 -11.87 12.70 10.84
CA LEU A 328 -12.06 13.13 9.44
C LEU A 328 -10.84 13.83 8.87
N LEU A 329 -10.24 13.23 7.84
CA LEU A 329 -9.06 13.81 7.18
C LEU A 329 -9.43 14.63 5.95
N ALA A 330 -10.49 14.20 5.25
CA ALA A 330 -10.96 14.88 4.06
C ALA A 330 -12.41 14.51 3.74
N LYS A 331 -13.24 15.53 3.55
CA LYS A 331 -14.64 15.31 3.24
C LYS A 331 -14.78 15.04 1.74
N GLY A 332 -15.93 14.51 1.34
CA GLY A 332 -16.18 14.25 -0.06
C GLY A 332 -15.81 12.87 -0.55
N SER A 333 -15.74 12.73 -1.87
CA SER A 333 -15.39 11.47 -2.51
C SER A 333 -13.92 11.13 -2.29
N CYS A 334 -13.68 9.98 -1.66
CA CYS A 334 -12.32 9.52 -1.38
C CYS A 334 -12.24 8.02 -1.58
N ALA A 335 -11.13 7.54 -2.13
CA ALA A 335 -10.96 6.11 -2.35
C ALA A 335 -9.63 5.60 -1.80
N TYR A 336 -8.84 4.96 -2.65
CA TYR A 336 -7.55 4.40 -2.29
C TYR A 336 -6.59 5.40 -1.62
N SER A 337 -5.75 4.89 -0.73
CA SER A 337 -4.79 5.74 -0.04
C SER A 337 -3.52 4.99 0.33
N ASP A 338 -2.49 5.75 0.70
CA ASP A 338 -1.23 5.15 1.12
C ASP A 338 -0.59 6.10 2.11
N LEU A 339 -0.05 5.54 3.18
CA LEU A 339 0.58 6.34 4.24
C LEU A 339 2.07 6.11 4.34
N GLN A 340 2.74 7.08 4.93
CA GLN A 340 4.16 7.02 5.18
C GLN A 340 4.47 7.81 6.44
N SER A 341 5.27 7.21 7.31
CA SER A 341 5.68 7.87 8.54
C SER A 341 6.84 8.75 8.08
N MET A 342 6.79 10.05 8.39
CA MET A 342 7.86 10.96 7.96
C MET A 342 8.73 11.46 9.11
N GLY A 343 8.77 10.73 10.22
CA GLY A 343 9.60 11.15 11.34
C GLY A 343 8.95 12.22 12.21
N THR A 344 9.78 13.03 12.86
CA THR A 344 9.31 14.09 13.76
C THR A 344 8.75 15.28 13.01
N GLY A 345 7.57 15.75 13.43
CA GLY A 345 6.94 16.88 12.79
C GLY A 345 7.32 18.23 13.39
N PRO A 346 6.85 19.33 12.79
CA PRO A 346 7.11 20.71 13.21
C PRO A 346 6.74 20.97 14.68
N ASP A 347 5.69 20.31 15.15
CA ASP A 347 5.23 20.48 16.53
C ASP A 347 5.85 19.46 17.47
N GLY A 348 6.82 18.70 16.97
CA GLY A 348 7.47 17.71 17.80
C GLY A 348 6.81 16.35 17.81
N SER A 349 5.59 16.26 17.27
CA SER A 349 4.86 14.98 17.24
C SER A 349 5.07 14.25 15.91
N PRO A 350 4.76 12.96 15.87
CA PRO A 350 4.92 12.16 14.64
C PRO A 350 4.30 12.83 13.41
N LEU A 351 5.09 12.92 12.35
CA LEU A 351 4.64 13.53 11.10
C LEU A 351 4.19 12.43 10.12
N PHE A 352 3.10 12.70 9.41
CA PHE A 352 2.57 11.74 8.45
C PHE A 352 2.34 12.33 7.08
N GLY A 353 2.51 11.48 6.06
CA GLY A 353 2.29 11.87 4.69
C GLY A 353 1.23 10.92 4.16
N CYS A 354 0.24 11.43 3.44
CA CYS A 354 -0.82 10.59 2.90
C CYS A 354 -1.20 10.97 1.48
N LEU A 355 -1.43 9.96 0.66
CA LEU A 355 -1.79 10.15 -0.74
C LEU A 355 -3.12 9.43 -0.92
N TYR A 356 -4.11 10.10 -1.53
CA TYR A 356 -5.39 9.44 -1.71
C TYR A 356 -6.14 9.90 -2.95
N GLU A 357 -6.98 9.01 -3.47
CA GLU A 357 -7.81 9.28 -4.64
C GLU A 357 -9.01 10.10 -4.19
N ALA A 358 -9.34 11.14 -4.94
CA ALA A 358 -10.46 12.00 -4.57
C ALA A 358 -11.31 12.48 -5.75
N ASN A 359 -12.50 12.96 -5.41
CA ASN A 359 -13.45 13.50 -6.38
C ASN A 359 -13.75 12.59 -7.56
N ASP A 360 -14.28 11.41 -7.27
CA ASP A 360 -14.62 10.44 -8.31
C ASP A 360 -13.41 10.11 -9.17
N TYR A 361 -12.26 9.94 -8.52
CA TYR A 361 -11.02 9.59 -9.19
C TYR A 361 -10.53 10.65 -10.18
N GLU A 362 -10.81 11.91 -9.90
CA GLU A 362 -10.38 12.99 -10.78
C GLU A 362 -8.95 13.43 -10.44
N GLU A 363 -8.50 13.06 -9.25
CA GLU A 363 -7.15 13.42 -8.84
C GLU A 363 -6.67 12.58 -7.65
N ILE A 364 -5.41 12.78 -7.31
CA ILE A 364 -4.78 12.11 -6.19
C ILE A 364 -4.19 13.23 -5.37
N VAL A 365 -4.65 13.35 -4.14
CA VAL A 365 -4.22 14.42 -3.25
C VAL A 365 -3.17 14.04 -2.23
N PHE A 366 -2.23 14.97 -1.99
CA PHE A 366 -1.20 14.74 -0.98
C PHE A 366 -1.62 15.51 0.26
N LEU A 367 -1.62 14.81 1.39
CA LEU A 367 -2.01 15.39 2.66
C LEU A 367 -0.86 15.12 3.65
N MET A 368 -0.48 16.13 4.43
CA MET A 368 0.59 16.00 5.42
C MET A 368 0.12 16.62 6.73
N PHE A 369 0.19 15.85 7.81
CA PHE A 369 -0.27 16.29 9.13
C PHE A 369 0.50 15.56 10.23
N THR A 370 0.31 16.00 11.46
CA THR A 370 1.00 15.39 12.60
C THR A 370 0.01 14.65 13.51
N LEU A 371 0.55 13.86 14.42
CA LEU A 371 -0.26 13.12 15.38
C LEU A 371 -0.99 14.12 16.29
N LYS A 372 -0.32 15.22 16.63
CA LYS A 372 -0.92 16.23 17.48
C LYS A 372 -2.15 16.86 16.81
N GLN A 373 -2.08 17.07 15.50
CA GLN A 373 -3.20 17.64 14.76
C GLN A 373 -4.38 16.67 14.68
N ALA A 374 -4.08 15.41 14.39
CA ALA A 374 -5.10 14.38 14.23
C ALA A 374 -5.69 13.79 15.52
N PHE A 375 -4.82 13.49 16.49
CA PHE A 375 -5.27 12.90 17.75
C PHE A 375 -4.71 13.67 18.94
N PRO A 376 -5.14 14.93 19.11
CA PRO A 376 -4.69 15.80 20.20
C PRO A 376 -4.82 15.20 21.59
N ALA A 377 -5.79 14.31 21.78
CA ALA A 377 -6.01 13.68 23.07
C ALA A 377 -5.03 12.54 23.39
N GLU A 378 -4.28 12.08 22.39
CA GLU A 378 -3.33 10.99 22.59
C GLU A 378 -1.87 11.44 22.65
N TYR A 379 -1.56 12.60 22.10
CA TYR A 379 -0.19 13.10 22.13
C TYR A 379 0.16 13.63 23.52
#